data_2AVJ
#
_entry.id   2AVJ
#
_cell.length_a   31.681
_cell.length_b   33.309
_cell.length_c   79.234
_cell.angle_alpha   90.00
_cell.angle_beta   91.49
_cell.angle_gamma   90.00
#
_symmetry.space_group_name_H-M   'P 1 21 1'
#
loop_
_entity.id
_entity.type
_entity.pdbx_description
1 polymer "5'-D(*GP*GP*GP*GP*(BRU)P*TP*TP*GP*GP*GP*G)-3'"
2 non-polymer 'POTASSIUM ION'
3 non-polymer 'CACODYLATE ION'
4 water water
#
_entity_poly.entity_id   1
_entity_poly.type   'polydeoxyribonucleotide'
_entity_poly.pdbx_seq_one_letter_code
;(DG)(DG)(DG)(DG)(BRU)(DT)(DT)(DG)(DG)(DG)(DG)
;
_entity_poly.pdbx_strand_id   A,B,C,D,E,F
#
loop_
_chem_comp.id
_chem_comp.type
_chem_comp.name
_chem_comp.formula
BRU DNA linking 5-BROMO-2'-DEOXYURIDINE-5'-MONOPHOSPHATE 'C9 H12 Br N2 O8 P'
CAC non-polymer 'CACODYLATE ION' 'C2 H6 As O2 -1'
DG DNA linking 2'-DEOXYGUANOSINE-5'-MONOPHOSPHATE 'C10 H14 N5 O7 P'
DT DNA linking THYMIDINE-5'-MONOPHOSPHATE 'C10 H15 N2 O8 P'
K non-polymer 'POTASSIUM ION' 'K 1'
#
# COMPACT_ATOMS: atom_id res chain seq x y z
N1 BRU A 5 -14.11 -2.33 18.82
C2 BRU A 5 -15.04 -3.24 18.41
N3 BRU A 5 -16.30 -3.07 18.92
C4 BRU A 5 -16.71 -2.08 19.81
C5 BRU A 5 -15.67 -1.16 20.18
C6 BRU A 5 -14.45 -1.32 19.70
O2 BRU A 5 -14.76 -4.14 17.64
O4 BRU A 5 -17.87 -2.00 20.21
BR BRU A 5 -15.90 0.23 21.33
C1' BRU A 5 -12.67 -2.41 18.35
C2' BRU A 5 -12.20 -1.28 17.45
C3' BRU A 5 -10.70 -1.29 17.69
C4' BRU A 5 -10.56 -1.76 19.13
O3' BRU A 5 -10.02 -2.21 16.82
O4' BRU A 5 -11.82 -2.37 19.48
C5' BRU A 5 -10.21 -0.66 20.13
O5' BRU A 5 -11.36 0.16 20.37
P BRU A 5 -11.22 1.73 20.58
OP1 BRU A 5 -12.55 2.38 20.63
OP2 BRU A 5 -10.27 1.99 21.66
N1 BRU B 5 -19.72 6.51 -3.52
C2 BRU B 5 -19.38 5.19 -3.66
N3 BRU B 5 -18.19 4.96 -4.32
C4 BRU B 5 -17.34 5.93 -4.83
C5 BRU B 5 -17.75 7.30 -4.64
C6 BRU B 5 -18.92 7.53 -4.01
O2 BRU B 5 -20.09 4.29 -3.24
O4 BRU B 5 -16.31 5.64 -5.41
BR BRU B 5 -16.76 8.73 -5.22
C1' BRU B 5 -20.98 6.81 -2.82
C2' BRU B 5 -20.91 7.98 -1.83
C3' BRU B 5 -22.33 8.52 -1.98
C4' BRU B 5 -22.56 8.35 -3.48
O3' BRU B 5 -23.17 7.68 -1.23
O4' BRU B 5 -22.00 7.06 -3.77
C5' BRU B 5 -21.76 9.20 -4.43
O5' BRU B 5 -21.95 10.55 -4.29
P BRU B 5 -20.90 11.51 -3.61
OP1 BRU B 5 -20.50 12.46 -4.66
OP2 BRU B 5 -21.60 11.97 -2.39
N1 BRU C 5 2.33 -11.61 12.17
C2 BRU C 5 1.86 -12.77 11.56
N3 BRU C 5 1.95 -12.78 10.19
C4 BRU C 5 2.45 -11.78 9.36
C5 BRU C 5 2.92 -10.60 10.06
C6 BRU C 5 2.84 -10.57 11.40
O2 BRU C 5 1.40 -13.74 12.15
O4 BRU C 5 2.48 -11.88 8.14
BR BRU C 5 3.60 -9.20 9.12
C1' BRU C 5 2.29 -11.47 13.69
C2' BRU C 5 3.32 -10.49 14.26
C3' BRU C 5 2.70 -10.13 15.61
C4' BRU C 5 1.20 -10.15 15.31
O3' BRU C 5 2.96 -11.11 16.61
O4' BRU C 5 1.03 -10.98 14.13
C5' BRU C 5 0.53 -8.78 15.17
O5' BRU C 5 1.16 -7.97 14.15
P BRU C 5 0.39 -7.62 12.79
OP1 BRU C 5 -0.09 -8.88 12.15
OP2 BRU C 5 -0.52 -6.50 13.09
N1 BRU D 5 18.40 -15.36 3.30
C2 BRU D 5 19.75 -15.04 3.42
N3 BRU D 5 20.45 -14.92 2.24
C4 BRU D 5 19.93 -15.10 0.98
C5 BRU D 5 18.52 -15.45 0.94
C6 BRU D 5 17.83 -15.56 2.07
O2 BRU D 5 20.30 -14.87 4.49
O4 BRU D 5 20.58 -14.98 -0.06
BR BRU D 5 17.70 -15.72 -0.64
C1' BRU D 5 17.55 -15.56 4.52
C2' BRU D 5 16.43 -14.53 4.71
C3' BRU D 5 15.43 -15.35 5.52
C4' BRU D 5 15.58 -16.76 4.96
O3' BRU D 5 15.80 -15.36 6.91
O4' BRU D 5 16.93 -16.82 4.42
C5' BRU D 5 14.56 -17.17 3.90
O5' BRU D 5 14.67 -16.42 2.69
P BRU D 5 13.36 -15.72 2.06
OP1 BRU D 5 13.82 -14.72 1.08
OP2 BRU D 5 12.41 -16.74 1.56
N1 BRU E 5 5.25 17.70 -10.51
C2 BRU E 5 6.36 18.53 -10.39
N3 BRU E 5 6.95 18.88 -11.59
C4 BRU E 5 6.58 18.48 -12.86
C5 BRU E 5 5.43 17.60 -12.91
C6 BRU E 5 4.84 17.26 -11.75
O2 BRU E 5 6.81 18.97 -9.33
O4 BRU E 5 7.18 18.83 -13.88
BR BRU E 5 4.82 17.00 -14.51
C1' BRU E 5 4.48 17.19 -9.29
C2' BRU E 5 4.39 18.02 -8.01
C3' BRU E 5 3.30 17.25 -7.23
C4' BRU E 5 2.65 16.36 -8.29
O3' BRU E 5 3.74 16.40 -6.15
O4' BRU E 5 3.13 16.86 -9.56
C5' BRU E 5 1.14 16.35 -8.25
O5' BRU E 5 0.73 15.62 -9.38
P BRU E 5 0.27 14.08 -9.32
OP1 BRU E 5 -1.05 13.98 -8.67
OP2 BRU E 5 0.47 13.59 -10.71
N1 BRU F 5 8.57 1.23 -22.66
C2 BRU F 5 9.80 0.81 -23.16
N3 BRU F 5 9.73 -0.24 -24.03
C4 BRU F 5 8.59 -0.92 -24.43
C5 BRU F 5 7.36 -0.43 -23.85
C6 BRU F 5 7.40 0.61 -23.01
O2 BRU F 5 10.85 1.34 -22.88
O4 BRU F 5 8.63 -1.87 -25.22
BR BRU F 5 5.76 -1.17 -24.26
C1' BRU F 5 8.52 2.38 -21.70
C2' BRU F 5 7.50 3.44 -22.06
C3' BRU F 5 7.24 4.03 -20.68
C4' BRU F 5 7.34 2.84 -19.74
O3' BRU F 5 8.27 4.95 -20.34
O4' BRU F 5 8.13 1.86 -20.44
C5' BRU F 5 6.03 2.22 -19.34
O5' BRU F 5 6.28 0.94 -18.76
P BRU F 5 5.92 0.68 -17.23
OP1 BRU F 5 4.55 1.17 -16.99
OP2 BRU F 5 6.30 -0.73 -16.90
K K G . -17.99 8.00 7.44
K K H . -12.03 4.14 8.15
K K I . -14.87 6.03 7.91
K K J . -15.99 -2.56 3.99
K K K . 12.07 1.59 0.42
K K L . 12.26 -0.58 3.03
K K M . 12.24 -2.74 5.69
K K N . 12.23 -4.97 8.35
K K O . 15.94 5.61 7.96
AS CAC P . 12.19 -10.09 -0.78
AS CAC Q . 3.61 -2.64 -2.55
K K R . 11.68 3.99 -2.25
K K S . 11.51 5.69 -4.99
K K T . 11.28 7.68 -7.99
K K U . 2.85 9.23 -1.53
K K V . 3.51 -2.60 -26.72
#